data_3Q60
#
_entry.id   3Q60
#
_cell.length_a   123.358
_cell.length_b   69.329
_cell.length_c   43.385
_cell.angle_alpha   90.000
_cell.angle_beta   90.000
_cell.angle_gamma   90.000
#
_symmetry.space_group_name_H-M   'P 21 21 2'
#
loop_
_entity.id
_entity.type
_entity.pdbx_description
1 polymer ROP5B
2 non-polymer "ADENOSINE-5'-TRIPHOSPHATE"
3 non-polymer 'MALONATE ION'
4 non-polymer 'MAGNESIUM ION'
5 water water
#
_entity_poly.entity_id   1
_entity_poly.type   'polypeptide(L)'
_entity_poly.pdbx_seq_one_letter_code
;GSHMEAGDSFMRDLLKREEELIGYCREEALKEPAAMVEAVTATVWPQNAETTVDSLLSQGERKLKLVEPLRVGDRSVVFL
VRDVERLEDFALKVFTMGAENSRSELERLHEATFAAARLLGESPEEARDRRRLLLPSDAVAVQSQPPFAQLSPGQDDYAV
ANYLLLMPAASVDLELLFSTLDFVYVFRGDEGILALHILTAQLIRLAANLQSKGLVHGHFTPDNLFIMPDGRLMLGDVSA
LWKVGTRGPASSVPVTYAPREFLNASTATFTHALNAWQLGLSIYRVWCLFLPFGLVTPGIKGSWKRPSLRVPGTDSLAFG
SCTPLPDFVKTLIGRFLNFDRRRRLLPLEAMETPEFLQLQNEISSSLSTGQ
;
_entity_poly.pdbx_strand_id   A
#
# COMPACT_ATOMS: atom_id res chain seq x y z
N ALA A 6 6.75 3.92 -20.28
CA ALA A 6 7.74 4.34 -19.29
C ALA A 6 8.26 5.79 -19.50
N GLY A 7 7.76 6.77 -18.75
CA GLY A 7 6.66 6.61 -17.82
C GLY A 7 7.15 6.14 -16.46
N ASP A 8 7.22 4.81 -16.32
CA ASP A 8 8.00 4.14 -15.27
C ASP A 8 9.40 4.71 -15.11
N SER A 9 10.10 4.98 -16.22
CA SER A 9 11.47 5.46 -16.13
C SER A 9 11.55 6.81 -15.46
N PHE A 10 10.55 7.64 -15.73
CA PHE A 10 10.54 8.97 -15.15
C PHE A 10 10.47 8.79 -13.61
N MET A 11 9.56 7.93 -13.19
CA MET A 11 9.34 7.69 -11.77
C MET A 11 10.55 7.04 -11.11
N ARG A 12 11.15 6.08 -11.78
CA ARG A 12 12.42 5.53 -11.31
C ARG A 12 13.45 6.64 -11.04
N ASP A 13 13.58 7.56 -11.99
CA ASP A 13 14.58 8.63 -11.86
C ASP A 13 14.23 9.65 -10.76
N LEU A 14 12.95 9.96 -10.66
CA LEU A 14 12.45 10.84 -9.63
C LEU A 14 12.76 10.28 -8.23
N LEU A 15 12.40 9.04 -8.02
CA LEU A 15 12.66 8.34 -6.75
C LEU A 15 14.14 8.29 -6.42
N LYS A 16 14.97 7.97 -7.40
CA LYS A 16 16.42 8.02 -7.20
C LYS A 16 16.86 9.44 -6.77
N ARG A 17 16.43 10.46 -7.48
CA ARG A 17 16.89 11.82 -7.17
C ARG A 17 16.44 12.25 -5.77
N GLU A 18 15.29 11.78 -5.30
CA GLU A 18 14.83 12.17 -3.97
C GLU A 18 15.00 11.09 -2.92
N GLU A 19 15.91 10.17 -3.16
CA GLU A 19 16.13 9.10 -2.24
C GLU A 19 16.42 9.66 -0.84
N GLU A 20 17.12 10.78 -0.79
CA GLU A 20 17.57 11.26 0.49
C GLU A 20 16.40 11.89 1.26
N LEU A 21 15.51 12.55 0.53
CA LEU A 21 14.36 13.20 1.14
C LEU A 21 13.37 12.13 1.63
N ILE A 22 13.24 11.08 0.84
CA ILE A 22 12.34 9.99 1.20
C ILE A 22 12.89 9.29 2.44
N GLY A 23 14.20 9.04 2.47
CA GLY A 23 14.85 8.44 3.64
C GLY A 23 14.61 9.26 4.90
N TYR A 24 14.74 10.58 4.77
CA TYR A 24 14.51 11.47 5.89
C TYR A 24 13.08 11.35 6.42
N CYS A 25 12.13 11.31 5.50
CA CYS A 25 10.72 11.26 5.89
C CYS A 25 10.37 9.88 6.42
N ARG A 26 11.01 8.84 5.88
CA ARG A 26 10.82 7.47 6.38
CA ARG A 26 10.82 7.45 6.36
C ARG A 26 11.31 7.39 7.82
N GLU A 27 12.47 7.99 8.09
CA GLU A 27 13.01 8.04 9.46
C GLU A 27 12.09 8.84 10.39
N GLU A 28 11.54 9.94 9.86
CA GLU A 28 10.64 10.75 10.67
C GLU A 28 9.38 9.99 11.08
N ALA A 29 8.91 9.09 10.21
CA ALA A 29 7.65 8.39 10.48
C ALA A 29 7.87 7.28 11.51
N LEU A 30 9.13 6.97 11.80
CA LEU A 30 9.44 5.93 12.78
C LEU A 30 9.55 6.53 14.19
N LYS A 31 9.46 7.85 14.32
CA LYS A 31 9.51 8.41 15.68
C LYS A 31 8.27 8.23 16.58
N GLU A 32 7.04 8.47 16.12
CA GLU A 32 5.87 8.31 16.99
C GLU A 32 5.80 6.87 17.53
N PRO A 33 6.03 5.86 16.65
CA PRO A 33 5.99 4.44 17.06
C PRO A 33 7.35 3.87 17.40
N ALA A 34 8.28 4.69 17.84
CA ALA A 34 9.65 4.24 18.05
C ALA A 34 9.75 3.18 19.15
N ALA A 35 8.84 3.22 20.12
CA ALA A 35 8.82 2.20 21.18
C ALA A 35 8.71 0.84 20.49
N MET A 36 7.56 0.62 19.85
CA MET A 36 7.25 -0.56 19.02
C MET A 36 8.47 -0.98 18.17
N VAL A 37 9.10 -0.03 17.47
CA VAL A 37 10.16 -0.42 16.55
C VAL A 37 11.35 -0.97 17.26
N GLU A 38 11.68 -0.35 18.38
CA GLU A 38 12.84 -0.77 19.09
C GLU A 38 12.66 -2.20 19.68
N ALA A 39 11.50 -2.43 20.31
CA ALA A 39 11.19 -3.75 20.89
C ALA A 39 11.22 -4.85 19.80
N VAL A 40 10.67 -4.57 18.63
CA VAL A 40 10.59 -5.62 17.60
C VAL A 40 11.95 -5.93 17.01
N THR A 41 12.76 -4.90 16.78
CA THR A 41 14.08 -5.12 16.27
C THR A 41 14.88 -6.03 17.20
N ALA A 42 14.80 -5.80 18.51
CA ALA A 42 15.57 -6.58 19.48
C ALA A 42 15.03 -8.02 19.57
N THR A 43 13.75 -8.21 19.21
CA THR A 43 13.13 -9.53 19.25
C THR A 43 13.71 -10.38 18.12
N VAL A 44 13.81 -9.81 16.93
CA VAL A 44 14.27 -10.54 15.76
C VAL A 44 15.81 -10.59 15.67
N TRP A 45 16.49 -9.55 16.12
CA TRP A 45 17.95 -9.50 16.09
C TRP A 45 18.45 -9.12 17.48
N PRO A 46 18.38 -10.06 18.43
CA PRO A 46 18.72 -9.78 19.83
C PRO A 46 20.22 -9.62 20.02
N GLN A 47 20.97 -10.29 19.16
CA GLN A 47 22.42 -10.32 19.27
C GLN A 47 23.07 -9.38 18.26
N ASN A 48 23.60 -9.92 17.16
CA ASN A 48 24.42 -9.09 16.27
C ASN A 48 24.00 -9.05 14.79
N ALA A 49 22.80 -8.55 14.54
CA ALA A 49 22.40 -8.09 13.20
C ALA A 49 22.25 -9.17 12.14
N GLU A 50 22.70 -10.40 12.41
CA GLU A 50 22.59 -11.48 11.44
C GLU A 50 21.95 -12.71 12.09
N THR A 51 20.75 -13.07 11.63
CA THR A 51 19.95 -14.15 12.22
C THR A 51 19.79 -15.29 11.22
N THR A 52 19.96 -16.54 11.66
CA THR A 52 19.69 -17.68 10.79
C THR A 52 18.28 -18.14 11.05
N VAL A 53 17.54 -18.34 9.98
CA VAL A 53 16.14 -18.71 10.08
C VAL A 53 15.89 -19.93 9.22
N ASP A 54 14.83 -20.66 9.53
CA ASP A 54 14.40 -21.78 8.72
C ASP A 54 13.24 -21.36 7.84
N SER A 55 13.30 -21.72 6.57
CA SER A 55 12.17 -21.49 5.68
C SER A 55 11.04 -22.42 6.06
N LEU A 56 9.82 -21.92 6.00
CA LEU A 56 8.65 -22.72 6.32
C LEU A 56 8.16 -23.40 5.05
N LEU A 57 8.80 -23.10 3.96
CA LEU A 57 8.36 -23.62 2.68
C LEU A 57 9.31 -24.71 2.24
N SER A 58 10.59 -24.56 2.53
CA SER A 58 11.59 -25.53 2.07
C SER A 58 12.35 -26.22 3.22
N GLN A 59 12.11 -25.83 4.47
CA GLN A 59 13.09 -26.17 5.51
C GLN A 59 14.54 -26.16 4.91
N GLY A 60 14.83 -25.19 4.05
CA GLY A 60 16.18 -24.75 3.81
C GLY A 60 16.42 -23.74 4.93
N GLU A 61 17.60 -23.15 4.97
CA GLU A 61 17.90 -22.09 5.93
C GLU A 61 18.17 -20.85 5.16
N ARG A 62 18.05 -19.69 5.80
CA ARG A 62 18.53 -18.46 5.20
C ARG A 62 19.22 -17.62 6.25
N LYS A 63 20.12 -16.77 5.80
CA LYS A 63 20.86 -15.92 6.73
C LYS A 63 20.54 -14.48 6.39
N LEU A 64 19.85 -13.81 7.32
CA LEU A 64 19.29 -12.50 7.04
C LEU A 64 19.95 -11.47 7.94
N LYS A 65 20.52 -10.46 7.32
CA LYS A 65 21.17 -9.41 8.06
C LYS A 65 20.29 -8.17 8.07
N LEU A 66 20.06 -7.56 9.21
CA LEU A 66 19.33 -6.31 9.25
C LEU A 66 20.08 -5.18 8.57
N VAL A 67 19.41 -4.44 7.69
CA VAL A 67 19.98 -3.21 7.11
C VAL A 67 19.35 -2.04 7.85
N GLU A 68 18.01 -1.95 7.89
CA GLU A 68 17.35 -0.90 8.67
C GLU A 68 15.86 -1.16 8.76
N PRO A 69 15.18 -0.61 9.79
CA PRO A 69 13.71 -0.60 9.76
C PRO A 69 13.24 0.33 8.64
N LEU A 70 12.13 -0.03 8.00
CA LEU A 70 11.52 0.76 6.92
C LEU A 70 10.19 1.39 7.33
N ARG A 71 9.23 0.60 7.84
CA ARG A 71 7.90 1.16 8.07
C ARG A 71 7.24 0.46 9.21
N VAL A 72 6.39 1.18 9.94
CA VAL A 72 5.44 0.54 10.87
C VAL A 72 4.01 0.50 10.31
N GLY A 73 3.35 -0.62 10.43
CA GLY A 73 1.98 -0.71 10.00
C GLY A 73 1.10 -0.82 11.22
N ASP A 74 -0.16 -1.15 10.98
CA ASP A 74 -1.13 -1.27 12.07
C ASP A 74 -0.83 -2.48 12.91
N ARG A 75 -0.27 -3.53 12.29
CA ARG A 75 -0.03 -4.79 13.00
C ARG A 75 1.31 -5.38 12.64
N SER A 76 2.29 -4.58 12.27
CA SER A 76 3.54 -5.16 11.74
C SER A 76 4.63 -4.12 11.73
N VAL A 77 5.85 -4.59 11.57
CA VAL A 77 6.98 -3.74 11.25
C VAL A 77 7.65 -4.34 10.02
N VAL A 78 8.07 -3.51 9.06
CA VAL A 78 8.70 -4.05 7.84
C VAL A 78 10.15 -3.52 7.84
N PHE A 79 11.09 -4.43 7.67
CA PHE A 79 12.52 -4.12 7.73
C PHE A 79 13.11 -4.35 6.34
N LEU A 80 14.16 -3.61 5.99
CA LEU A 80 15.04 -3.99 4.91
C LEU A 80 16.14 -4.91 5.42
N VAL A 81 16.27 -6.06 4.80
CA VAL A 81 17.25 -7.08 5.20
C VAL A 81 18.04 -7.52 3.98
N ARG A 82 19.19 -8.12 4.25
CA ARG A 82 20.08 -8.61 3.19
C ARG A 82 20.24 -10.10 3.37
N ASP A 83 19.90 -10.85 2.33
CA ASP A 83 20.18 -12.27 2.35
C ASP A 83 21.70 -12.38 2.03
N VAL A 84 22.48 -12.77 3.02
CA VAL A 84 23.94 -12.67 2.87
C VAL A 84 24.53 -13.77 1.98
N GLU A 85 23.79 -14.84 1.74
CA GLU A 85 24.23 -15.83 0.77
C GLU A 85 23.83 -15.52 -0.69
N ARG A 86 22.73 -14.81 -0.92
CA ARG A 86 22.32 -14.49 -2.29
C ARG A 86 22.69 -13.09 -2.67
N LEU A 87 23.26 -12.33 -1.76
CA LEU A 87 23.58 -10.94 -2.02
C LEU A 87 22.39 -10.14 -2.57
N GLU A 88 21.20 -10.31 -2.01
CA GLU A 88 20.04 -9.56 -2.45
C GLU A 88 19.39 -8.96 -1.23
N ASP A 89 18.79 -7.79 -1.38
CA ASP A 89 17.99 -7.20 -0.30
C ASP A 89 16.54 -7.63 -0.48
N PHE A 90 15.82 -7.64 0.64
CA PHE A 90 14.43 -8.08 0.71
C PHE A 90 13.77 -7.19 1.72
N ALA A 91 12.45 -7.03 1.59
CA ALA A 91 11.69 -6.50 2.72
C ALA A 91 11.30 -7.72 3.58
N LEU A 92 11.32 -7.54 4.90
CA LEU A 92 10.89 -8.59 5.80
C LEU A 92 9.79 -8.04 6.69
N LYS A 93 8.64 -8.67 6.64
CA LYS A 93 7.52 -8.20 7.45
C LYS A 93 7.36 -9.12 8.66
N VAL A 94 7.28 -8.49 9.83
CA VAL A 94 7.21 -9.14 11.15
C VAL A 94 5.86 -8.67 11.72
N PHE A 95 5.11 -9.57 12.35
CA PHE A 95 3.72 -9.29 12.75
C PHE A 95 3.59 -9.24 14.25
N THR A 96 2.87 -8.25 14.77
CA THR A 96 2.65 -8.21 16.22
C THR A 96 1.37 -9.02 16.49
N MET A 97 1.20 -9.41 17.74
CA MET A 97 0.18 -10.43 18.08
C MET A 97 -0.85 -9.88 19.06
N GLY A 98 -1.34 -8.69 18.77
CA GLY A 98 -2.37 -8.09 19.60
C GLY A 98 -3.65 -8.91 19.64
N ALA A 99 -4.13 -9.35 18.46
CA ALA A 99 -5.41 -10.05 18.37
C ALA A 99 -5.36 -11.38 19.13
N GLU A 100 -6.43 -11.73 19.81
CA GLU A 100 -6.41 -12.90 20.68
C GLU A 100 -6.18 -14.19 19.88
N ASN A 101 -6.67 -14.22 18.64
CA ASN A 101 -6.43 -15.40 17.80
C ASN A 101 -5.32 -15.18 16.77
N SER A 102 -4.34 -14.33 17.09
CA SER A 102 -3.27 -13.99 16.13
C SER A 102 -2.56 -15.20 15.53
N ARG A 103 -2.22 -16.16 16.37
CA ARG A 103 -1.49 -17.30 15.86
C ARG A 103 -2.30 -18.02 14.77
N SER A 104 -3.57 -18.29 15.01
CA SER A 104 -4.35 -18.95 13.97
C SER A 104 -4.59 -18.08 12.77
N GLU A 105 -4.76 -16.78 13.00
CA GLU A 105 -4.93 -15.88 11.88
C GLU A 105 -3.69 -15.89 10.99
N LEU A 106 -2.51 -15.94 11.58
CA LEU A 106 -1.30 -15.92 10.77
C LEU A 106 -1.12 -17.27 10.05
N GLU A 107 -1.46 -18.40 10.69
CA GLU A 107 -1.34 -19.66 9.94
C GLU A 107 -2.25 -19.65 8.71
N ARG A 108 -3.45 -19.09 8.84
CA ARG A 108 -4.35 -19.02 7.70
C ARG A 108 -3.80 -18.06 6.65
N LEU A 109 -3.25 -16.94 7.11
CA LEU A 109 -2.71 -15.97 6.18
C LEU A 109 -1.57 -16.65 5.39
N HIS A 110 -0.68 -17.37 6.07
CA HIS A 110 0.41 -18.09 5.40
C HIS A 110 -0.15 -19.05 4.35
N GLU A 111 -1.08 -19.93 4.76
CA GLU A 111 -1.63 -20.93 3.82
C GLU A 111 -2.31 -20.26 2.63
N ALA A 112 -3.15 -19.27 2.90
CA ALA A 112 -3.85 -18.55 1.82
C ALA A 112 -2.87 -17.81 0.90
N THR A 113 -1.90 -17.14 1.48
CA THR A 113 -0.97 -16.34 0.66
C THR A 113 -0.20 -17.20 -0.30
N PHE A 114 0.40 -18.25 0.22
CA PHE A 114 1.21 -19.07 -0.68
C PHE A 114 0.41 -19.96 -1.63
N ALA A 115 -0.83 -20.34 -1.30
CA ALA A 115 -1.63 -21.08 -2.28
C ALA A 115 -1.96 -20.17 -3.45
N ALA A 116 -2.33 -18.91 -3.17
CA ALA A 116 -2.65 -17.94 -4.20
C ALA A 116 -1.39 -17.63 -5.04
N ALA A 117 -0.25 -17.48 -4.37
CA ALA A 117 1.01 -17.18 -5.09
C ALA A 117 1.40 -18.33 -6.04
N ARG A 118 1.21 -19.58 -5.61
CA ARG A 118 1.47 -20.73 -6.46
C ARG A 118 0.61 -20.69 -7.71
N LEU A 119 -0.68 -20.42 -7.52
CA LEU A 119 -1.62 -20.36 -8.62
C LEU A 119 -1.15 -19.34 -9.64
N LEU A 120 -0.84 -18.14 -9.17
CA LEU A 120 -0.45 -17.06 -10.07
C LEU A 120 0.82 -17.42 -10.91
N GLY A 121 1.86 -17.97 -10.27
CA GLY A 121 3.10 -18.28 -10.99
C GLY A 121 3.09 -19.65 -11.65
N ARG A 132 1.90 -7.51 -11.90
CA ARG A 132 1.53 -6.30 -11.15
C ARG A 132 1.26 -6.53 -9.65
N LEU A 133 1.42 -7.75 -9.18
CA LEU A 133 1.18 -8.08 -7.76
C LEU A 133 2.48 -8.30 -7.07
N LEU A 134 2.69 -7.64 -5.94
CA LEU A 134 3.88 -7.86 -5.15
C LEU A 134 3.66 -9.05 -4.23
N LEU A 135 4.30 -10.17 -4.56
CA LEU A 135 4.13 -11.45 -3.86
C LEU A 135 5.35 -11.75 -2.98
N PRO A 136 5.13 -12.34 -1.80
CA PRO A 136 6.27 -12.82 -1.00
C PRO A 136 6.84 -14.06 -1.68
N SER A 137 8.14 -14.25 -1.51
CA SER A 137 8.84 -15.40 -2.06
C SER A 137 9.24 -16.42 -0.98
N ASP A 138 9.29 -16.01 0.29
CA ASP A 138 9.54 -16.98 1.35
C ASP A 138 8.90 -16.59 2.68
N ALA A 139 8.75 -17.55 3.59
CA ALA A 139 8.29 -17.29 4.97
C ALA A 139 9.22 -18.04 5.87
N VAL A 140 9.74 -17.42 6.91
CA VAL A 140 10.77 -18.05 7.72
C VAL A 140 10.49 -17.91 9.19
N ALA A 141 11.20 -18.71 10.00
CA ALA A 141 10.99 -18.66 11.43
C ALA A 141 12.35 -18.76 12.11
N VAL A 142 12.52 -18.02 13.20
CA VAL A 142 13.74 -18.10 13.99
C VAL A 142 13.92 -19.54 14.41
N GLN A 143 15.13 -20.03 14.30
CA GLN A 143 15.39 -21.43 14.58
C GLN A 143 15.18 -21.77 16.05
N SER A 144 14.76 -23.00 16.29
CA SER A 144 14.65 -23.53 17.65
C SER A 144 13.49 -22.94 18.42
N GLN A 145 12.62 -22.19 17.76
CA GLN A 145 11.35 -21.83 18.37
C GLN A 145 10.27 -22.21 17.40
N PRO A 146 9.13 -22.68 17.91
CA PRO A 146 8.06 -23.11 17.00
C PRO A 146 7.57 -21.97 16.12
N PRO A 147 7.30 -22.25 14.85
CA PRO A 147 6.69 -21.24 13.98
C PRO A 147 5.34 -20.78 14.52
N PHE A 148 5.07 -19.50 14.27
CA PHE A 148 3.77 -18.85 14.55
C PHE A 148 3.54 -18.44 16.00
N ALA A 149 4.09 -19.20 16.94
CA ALA A 149 4.05 -18.82 18.35
C ALA A 149 4.81 -17.55 18.66
N GLN A 150 4.44 -16.90 19.76
CA GLN A 150 5.14 -15.72 20.18
C GLN A 150 6.64 -15.98 20.16
N LEU A 151 7.38 -15.01 19.61
CA LEU A 151 8.79 -15.17 19.34
C LEU A 151 9.47 -14.63 20.56
N SER A 152 10.40 -15.40 21.12
CA SER A 152 11.29 -14.84 22.13
C SER A 152 12.64 -14.43 21.50
N PRO A 153 13.34 -13.48 22.13
CA PRO A 153 13.00 -12.86 23.42
C PRO A 153 11.94 -11.76 23.33
N GLY A 154 10.74 -12.00 23.86
CA GLY A 154 9.67 -11.02 23.80
C GLY A 154 10.08 -9.61 24.21
N TYR A 158 4.45 -5.66 23.34
CA TYR A 158 4.93 -5.83 21.96
C TYR A 158 5.25 -7.27 21.54
N ALA A 159 4.26 -8.15 21.62
CA ALA A 159 4.41 -9.56 21.24
C ALA A 159 4.57 -9.72 19.72
N VAL A 160 5.58 -10.48 19.29
CA VAL A 160 5.89 -10.65 17.86
C VAL A 160 5.74 -12.13 17.51
N ALA A 161 5.10 -12.49 16.38
CA ALA A 161 4.94 -13.92 16.02
C ALA A 161 6.23 -14.47 15.42
N ASN A 162 6.52 -15.76 15.59
CA ASN A 162 7.69 -16.33 14.95
C ASN A 162 7.32 -16.72 13.52
N TYR A 163 7.14 -15.70 12.67
CA TYR A 163 6.66 -15.89 11.30
C TYR A 163 7.08 -14.63 10.57
N LEU A 164 8.07 -14.72 9.69
CA LEU A 164 8.68 -13.53 9.12
C LEU A 164 8.54 -13.66 7.60
N LEU A 165 7.94 -12.67 6.96
CA LEU A 165 7.56 -12.83 5.56
C LEU A 165 8.55 -12.09 4.69
N LEU A 166 9.20 -12.82 3.79
CA LEU A 166 10.20 -12.19 2.91
C LEU A 166 9.60 -11.82 1.53
N MET A 167 9.89 -10.62 1.06
CA MET A 167 9.34 -10.22 -0.24
C MET A 167 10.24 -9.16 -0.89
N PRO A 168 10.01 -8.83 -2.17
CA PRO A 168 10.78 -7.79 -2.79
C PRO A 168 10.55 -6.47 -2.07
N ALA A 169 11.58 -5.67 -1.91
CA ALA A 169 11.41 -4.37 -1.30
C ALA A 169 10.98 -3.27 -2.30
N ALA A 170 9.84 -2.62 -2.05
CA ALA A 170 9.40 -1.47 -2.82
C ALA A 170 10.36 -0.33 -2.57
N SER A 171 10.47 0.60 -3.51
CA SER A 171 11.16 1.84 -3.21
C SER A 171 10.41 2.71 -2.23
N VAL A 172 9.10 2.82 -2.45
CA VAL A 172 8.23 3.57 -1.57
C VAL A 172 6.84 2.97 -1.71
N ASP A 173 6.05 3.00 -0.63
CA ASP A 173 4.62 2.74 -0.76
C ASP A 173 4.01 4.12 -0.96
N LEU A 174 2.82 4.23 -1.58
CA LEU A 174 2.23 5.54 -1.77
C LEU A 174 1.93 6.25 -0.47
N GLU A 175 1.66 5.51 0.60
CA GLU A 175 1.38 6.19 1.84
C GLU A 175 2.61 7.03 2.27
N LEU A 176 3.79 6.44 2.14
CA LEU A 176 5.03 7.17 2.45
C LEU A 176 5.26 8.30 1.45
N LEU A 177 4.92 8.07 0.19
CA LEU A 177 5.13 9.16 -0.78
C LEU A 177 4.29 10.38 -0.39
N PHE A 178 3.04 10.12 0.00
CA PHE A 178 2.16 11.22 0.35
C PHE A 178 2.66 11.93 1.61
N SER A 179 3.11 11.15 2.61
CA SER A 179 3.52 11.78 3.86
C SER A 179 4.83 12.54 3.60
N THR A 180 5.63 12.09 2.63
CA THR A 180 6.90 12.75 2.27
C THR A 180 6.55 14.07 1.63
N LEU A 181 5.59 14.05 0.72
CA LEU A 181 5.16 15.32 0.07
C LEU A 181 4.59 16.28 1.07
N ASP A 182 3.95 15.77 2.13
CA ASP A 182 3.28 16.61 3.10
C ASP A 182 4.27 17.17 4.13
N PHE A 183 5.33 16.44 4.44
CA PHE A 183 6.08 16.75 5.67
C PHE A 183 7.00 17.92 5.44
N VAL A 184 7.60 17.93 4.25
CA VAL A 184 8.59 18.97 3.83
C VAL A 184 8.05 19.63 2.54
N TYR A 185 7.79 20.94 2.50
CA TYR A 185 7.53 21.60 1.19
C TYR A 185 8.82 21.63 0.36
N VAL A 186 8.83 20.97 -0.81
CA VAL A 186 9.98 21.01 -1.72
C VAL A 186 9.61 21.53 -3.08
N PHE A 187 10.38 22.49 -3.59
CA PHE A 187 10.07 22.96 -4.92
C PHE A 187 10.49 21.92 -5.94
N ARG A 188 9.53 21.52 -6.80
CA ARG A 188 9.75 20.45 -7.79
C ARG A 188 9.45 20.88 -9.20
N GLY A 189 8.86 22.06 -9.33
CA GLY A 189 8.69 22.68 -10.62
C GLY A 189 7.79 21.82 -11.49
N ASP A 190 8.08 21.79 -12.79
CA ASP A 190 7.23 21.04 -13.72
C ASP A 190 7.41 19.55 -13.57
N GLU A 191 8.58 19.11 -13.12
CA GLU A 191 8.81 17.68 -12.90
C GLU A 191 7.81 17.12 -11.89
N GLY A 192 7.57 17.86 -10.82
CA GLY A 192 6.68 17.39 -9.76
C GLY A 192 5.26 17.24 -10.28
N ILE A 193 4.82 18.19 -11.11
CA ILE A 193 3.46 18.16 -11.62
C ILE A 193 3.33 17.01 -12.60
N LEU A 194 4.37 16.78 -13.39
CA LEU A 194 4.35 15.65 -14.36
C LEU A 194 4.27 14.35 -13.54
N ALA A 195 4.96 14.29 -12.40
CA ALA A 195 4.91 13.03 -11.64
C ALA A 195 3.50 12.82 -11.16
N LEU A 196 2.78 13.89 -10.78
CA LEU A 196 1.39 13.68 -10.32
C LEU A 196 0.53 13.13 -11.47
N HIS A 197 0.76 13.59 -12.71
CA HIS A 197 -0.02 13.06 -13.83
C HIS A 197 0.28 11.61 -14.05
N ILE A 198 1.57 11.25 -13.96
CA ILE A 198 2.01 9.90 -14.30
C ILE A 198 1.46 8.92 -13.26
N LEU A 199 1.52 9.31 -11.99
CA LEU A 199 1.01 8.42 -10.92
C LEU A 199 -0.51 8.23 -11.08
N THR A 200 -1.20 9.30 -11.52
CA THR A 200 -2.64 9.24 -11.75
C THR A 200 -2.91 8.23 -12.86
N ALA A 201 -2.21 8.35 -13.98
CA ALA A 201 -2.40 7.39 -15.08
C ALA A 201 -2.06 5.95 -14.62
N GLN A 202 -0.99 5.80 -13.84
CA GLN A 202 -0.54 4.46 -13.42
C GLN A 202 -1.58 3.78 -12.54
N LEU A 203 -2.20 4.57 -11.65
CA LEU A 203 -3.24 4.04 -10.77
C LEU A 203 -4.45 3.57 -11.56
N ILE A 204 -4.85 4.38 -12.54
CA ILE A 204 -6.01 4.04 -13.35
C ILE A 204 -5.70 2.75 -14.15
N ARG A 205 -4.49 2.63 -14.69
CA ARG A 205 -4.14 1.44 -15.50
C ARG A 205 -4.03 0.21 -14.61
N LEU A 206 -3.52 0.36 -13.39
CA LEU A 206 -3.50 -0.80 -12.51
C LEU A 206 -4.90 -1.28 -12.11
N ALA A 207 -5.80 -0.37 -11.74
CA ALA A 207 -7.18 -0.72 -11.39
C ALA A 207 -7.91 -1.32 -12.59
N ALA A 208 -7.67 -0.75 -13.77
CA ALA A 208 -8.25 -1.34 -15.01
C ALA A 208 -7.72 -2.75 -15.26
N ASN A 209 -6.45 -3.00 -14.98
CA ASN A 209 -5.96 -4.38 -15.13
C ASN A 209 -6.73 -5.34 -14.22
N LEU A 210 -6.96 -4.98 -12.94
CA LEU A 210 -7.84 -5.81 -12.11
C LEU A 210 -9.21 -6.05 -12.75
N GLN A 211 -9.81 -4.97 -13.23
CA GLN A 211 -11.16 -5.08 -13.77
C GLN A 211 -11.18 -6.02 -14.98
N SER A 212 -10.17 -5.94 -15.81
CA SER A 212 -10.17 -6.73 -17.06
C SER A 212 -10.08 -8.23 -16.75
N LYS A 213 -9.63 -8.56 -15.54
CA LYS A 213 -9.52 -9.94 -15.10
C LYS A 213 -10.65 -10.35 -14.20
N GLY A 214 -11.63 -9.47 -14.05
CA GLY A 214 -12.78 -9.74 -13.21
C GLY A 214 -12.35 -9.86 -11.77
N LEU A 215 -11.40 -9.05 -11.33
CA LEU A 215 -10.93 -9.10 -9.96
C LEU A 215 -11.14 -7.79 -9.24
N VAL A 216 -11.17 -7.91 -7.90
CA VAL A 216 -11.45 -6.80 -7.03
C VAL A 216 -10.47 -6.97 -5.87
N HIS A 217 -9.75 -5.94 -5.49
CA HIS A 217 -8.91 -6.04 -4.29
C HIS A 217 -9.56 -5.32 -3.09
N GLY A 218 -9.53 -5.92 -1.89
CA GLY A 218 -10.20 -5.32 -0.75
C GLY A 218 -9.49 -4.04 -0.29
N HIS A 219 -8.21 -3.89 -0.56
CA HIS A 219 -7.54 -2.67 -0.13
C HIS A 219 -6.53 -2.20 -1.21
N PHE A 220 -7.12 -1.62 -2.26
CA PHE A 220 -6.41 -0.82 -3.25
C PHE A 220 -6.17 0.52 -2.56
N THR A 221 -5.24 0.51 -1.61
CA THR A 221 -5.02 1.67 -0.71
C THR A 221 -3.53 2.01 -0.68
N PRO A 222 -3.21 3.23 -0.23
CA PRO A 222 -1.85 3.71 -0.41
C PRO A 222 -0.79 2.91 0.36
N ASP A 223 -1.15 2.25 1.47
CA ASP A 223 -0.17 1.38 2.13
C ASP A 223 0.01 0.03 1.45
N ASN A 224 -0.72 -0.18 0.36
CA ASN A 224 -0.58 -1.43 -0.40
C ASN A 224 -0.36 -1.16 -1.89
N LEU A 225 0.02 0.07 -2.23
CA LEU A 225 0.35 0.41 -3.62
C LEU A 225 1.85 0.80 -3.57
N PHE A 226 2.66 0.25 -4.46
CA PHE A 226 4.13 0.31 -4.27
C PHE A 226 4.75 0.76 -5.56
N ILE A 227 5.64 1.74 -5.45
CA ILE A 227 6.53 1.99 -6.59
C ILE A 227 7.82 1.20 -6.41
N MET A 228 8.12 0.32 -7.36
CA MET A 228 9.25 -0.59 -7.23
C MET A 228 10.48 0.16 -7.80
N PRO A 229 11.69 -0.36 -7.55
CA PRO A 229 12.90 0.32 -8.04
C PRO A 229 12.88 0.63 -9.55
N ASP A 230 12.24 -0.21 -10.36
CA ASP A 230 12.09 0.02 -11.81
C ASP A 230 11.01 1.04 -12.17
N GLY A 231 10.41 1.71 -11.18
CA GLY A 231 9.39 2.70 -11.44
C GLY A 231 7.97 2.17 -11.65
N ARG A 232 7.77 0.85 -11.67
CA ARG A 232 6.45 0.28 -11.94
C ARG A 232 5.63 0.30 -10.65
N LEU A 233 4.32 0.47 -10.77
CA LEU A 233 3.39 0.50 -9.62
C LEU A 233 2.92 -0.95 -9.46
N MET A 234 2.89 -1.45 -8.21
CA MET A 234 2.37 -2.77 -7.93
C MET A 234 1.41 -2.74 -6.75
N LEU A 235 0.55 -3.75 -6.71
CA LEU A 235 -0.41 -3.92 -5.61
C LEU A 235 0.07 -5.10 -4.79
N GLY A 236 0.05 -4.98 -3.47
CA GLY A 236 0.44 -6.07 -2.55
C GLY A 236 -0.76 -6.93 -2.07
N ASP A 237 -0.47 -7.80 -1.13
CA ASP A 237 -1.49 -8.60 -0.39
C ASP A 237 -2.44 -9.40 -1.30
N VAL A 238 -1.91 -10.43 -1.94
CA VAL A 238 -2.71 -11.24 -2.84
C VAL A 238 -3.88 -11.89 -2.11
N SER A 239 -3.74 -12.11 -0.81
CA SER A 239 -4.80 -12.77 -0.04
C SER A 239 -6.07 -11.94 -0.03
N ALA A 240 -5.95 -10.64 -0.32
CA ALA A 240 -7.13 -9.81 -0.36
C ALA A 240 -7.65 -9.56 -1.78
N LEU A 241 -7.24 -10.39 -2.76
CA LEU A 241 -7.86 -10.39 -4.10
C LEU A 241 -9.14 -11.24 -4.08
N TRP A 242 -10.14 -10.81 -4.83
CA TRP A 242 -11.45 -11.47 -4.90
C TRP A 242 -11.87 -11.57 -6.35
N LYS A 243 -12.56 -12.66 -6.72
CA LYS A 243 -13.24 -12.61 -8.01
C LYS A 243 -14.45 -11.73 -7.83
N VAL A 244 -14.73 -10.87 -8.80
CA VAL A 244 -15.81 -9.93 -8.65
C VAL A 244 -17.13 -10.65 -8.34
N GLY A 245 -17.93 -10.09 -7.44
CA GLY A 245 -19.23 -10.66 -7.08
C GLY A 245 -19.20 -11.59 -5.89
N THR A 246 -18.00 -12.00 -5.48
CA THR A 246 -17.83 -12.81 -4.27
C THR A 246 -18.24 -12.06 -2.99
N ARG A 247 -18.86 -12.78 -2.07
CA ARG A 247 -19.25 -12.23 -0.78
C ARG A 247 -18.13 -12.46 0.25
N GLY A 248 -17.86 -11.48 1.09
CA GLY A 248 -16.83 -11.67 2.08
C GLY A 248 -16.97 -10.65 3.17
N PRO A 249 -16.05 -10.67 4.15
CA PRO A 249 -16.29 -9.79 5.30
C PRO A 249 -16.02 -8.31 4.95
N ALA A 250 -17.04 -7.50 5.15
CA ALA A 250 -16.92 -6.06 4.90
C ALA A 250 -15.80 -5.46 5.74
N SER A 251 -15.52 -6.04 6.90
CA SER A 251 -14.54 -5.47 7.82
C SER A 251 -13.11 -5.56 7.27
N SER A 252 -12.90 -6.33 6.21
CA SER A 252 -11.57 -6.50 5.66
C SER A 252 -11.21 -5.27 4.83
N VAL A 253 -12.19 -4.44 4.55
CA VAL A 253 -11.89 -3.14 3.86
C VAL A 253 -11.59 -2.02 4.89
N PRO A 254 -10.47 -1.29 4.75
CA PRO A 254 -10.19 -0.27 5.79
C PRO A 254 -11.30 0.77 5.80
N VAL A 255 -11.75 1.19 6.99
CA VAL A 255 -13.01 1.89 7.04
C VAL A 255 -12.95 3.24 6.34
N THR A 256 -11.79 3.94 6.36
CA THR A 256 -11.77 5.20 5.62
C THR A 256 -11.65 5.04 4.10
N TYR A 257 -11.38 3.83 3.62
CA TYR A 257 -11.36 3.58 2.18
C TYR A 257 -12.55 2.72 1.74
N ALA A 258 -13.58 2.65 2.57
CA ALA A 258 -14.79 1.88 2.23
C ALA A 258 -15.91 2.81 1.82
N PRO A 259 -16.53 2.53 0.68
CA PRO A 259 -17.75 3.28 0.37
C PRO A 259 -18.91 2.81 1.28
N ARG A 260 -20.01 3.55 1.24
CA ARG A 260 -21.10 3.33 2.20
C ARG A 260 -21.71 1.97 2.10
N GLU A 261 -21.70 1.41 0.90
CA GLU A 261 -22.32 0.09 0.75
C GLU A 261 -21.53 -0.99 1.53
N PHE A 262 -20.24 -0.75 1.79
CA PHE A 262 -19.47 -1.67 2.64
C PHE A 262 -19.62 -1.42 4.13
N LEU A 263 -19.81 -0.18 4.49
CA LEU A 263 -19.88 0.20 5.86
C LEU A 263 -21.17 -0.34 6.50
N ASN A 264 -22.16 -0.62 5.66
CA ASN A 264 -23.51 -0.87 6.13
C ASN A 264 -23.84 -2.37 6.32
N ALA A 265 -22.89 -3.26 6.02
CA ALA A 265 -23.15 -4.69 6.13
C ALA A 265 -22.01 -5.41 6.87
N SER A 266 -22.28 -6.56 7.47
CA SER A 266 -21.22 -7.38 8.01
C SER A 266 -20.55 -8.17 6.87
N THR A 267 -21.35 -8.61 5.90
CA THR A 267 -20.88 -9.35 4.75
C THR A 267 -21.25 -8.53 3.55
N ALA A 268 -20.30 -8.35 2.64
CA ALA A 268 -20.50 -7.49 1.50
C ALA A 268 -20.12 -8.19 0.23
N THR A 269 -20.56 -7.67 -0.90
CA THR A 269 -20.23 -8.25 -2.18
C THR A 269 -19.06 -7.43 -2.71
N PHE A 270 -17.98 -8.10 -3.13
CA PHE A 270 -16.80 -7.38 -3.64
C PHE A 270 -16.98 -7.07 -5.11
N THR A 271 -17.13 -5.79 -5.44
CA THR A 271 -17.59 -5.37 -6.75
C THR A 271 -16.53 -4.49 -7.41
N HIS A 272 -16.60 -4.33 -8.70
CA HIS A 272 -15.73 -3.34 -9.35
C HIS A 272 -16.03 -1.95 -8.79
N ALA A 273 -17.24 -1.68 -8.34
CA ALA A 273 -17.52 -0.31 -7.82
C ALA A 273 -16.69 -0.01 -6.57
N LEU A 274 -16.34 -1.05 -5.81
CA LEU A 274 -15.44 -0.80 -4.68
C LEU A 274 -14.12 -0.28 -5.18
N ASN A 275 -13.58 -0.87 -6.23
CA ASN A 275 -12.24 -0.43 -6.59
C ASN A 275 -12.26 0.88 -7.36
N ALA A 276 -13.36 1.18 -8.04
CA ALA A 276 -13.52 2.53 -8.63
C ALA A 276 -13.49 3.54 -7.47
N TRP A 277 -14.21 3.26 -6.38
CA TRP A 277 -14.20 4.18 -5.26
C TRP A 277 -12.78 4.35 -4.69
N GLN A 278 -12.10 3.22 -4.44
CA GLN A 278 -10.77 3.28 -3.84
C GLN A 278 -9.75 3.98 -4.78
N LEU A 279 -9.88 3.74 -6.09
CA LEU A 279 -9.08 4.45 -7.08
C LEU A 279 -9.33 5.94 -6.96
N GLY A 280 -10.59 6.35 -6.88
CA GLY A 280 -10.93 7.79 -6.75
C GLY A 280 -10.26 8.40 -5.52
N LEU A 281 -10.33 7.71 -4.39
CA LEU A 281 -9.61 8.20 -3.19
C LEU A 281 -8.14 8.36 -3.34
N SER A 282 -7.45 7.37 -3.95
CA SER A 282 -5.99 7.48 -4.09
C SER A 282 -5.64 8.59 -5.09
N ILE A 283 -6.39 8.73 -6.17
CA ILE A 283 -6.06 9.85 -7.10
C ILE A 283 -6.27 11.16 -6.36
N TYR A 284 -7.33 11.27 -5.58
CA TYR A 284 -7.57 12.50 -4.81
C TYR A 284 -6.35 12.72 -3.90
N ARG A 285 -5.86 11.66 -3.24
CA ARG A 285 -4.66 11.87 -2.40
C ARG A 285 -3.41 12.26 -3.20
N VAL A 286 -3.28 11.83 -4.45
CA VAL A 286 -2.07 12.17 -5.20
C VAL A 286 -1.98 13.69 -5.31
N TRP A 287 -3.14 14.30 -5.52
CA TRP A 287 -3.22 15.76 -5.74
C TRP A 287 -3.44 16.57 -4.49
N CYS A 288 -4.00 15.94 -3.45
CA CYS A 288 -4.46 16.69 -2.24
C CYS A 288 -3.82 16.24 -0.93
N LEU A 289 -3.23 15.04 -0.95
CA LEU A 289 -2.50 14.42 0.17
C LEU A 289 -3.42 13.92 1.25
N PHE A 290 -4.38 14.73 1.69
CA PHE A 290 -5.44 14.18 2.58
C PHE A 290 -6.54 13.47 1.79
N LEU A 291 -7.31 12.60 2.46
CA LEU A 291 -8.53 12.08 1.84
C LEU A 291 -9.62 13.17 1.67
N PRO A 292 -10.59 12.92 0.79
CA PRO A 292 -11.75 13.81 0.62
C PRO A 292 -12.80 13.58 1.71
N PHE A 293 -13.80 14.46 1.74
CA PHE A 293 -15.00 14.29 2.55
C PHE A 293 -14.67 14.41 4.03
N GLY A 294 -13.53 15.03 4.33
CA GLY A 294 -13.13 15.22 5.70
C GLY A 294 -12.61 13.96 6.38
N LEU A 295 -12.41 12.87 5.62
CA LEU A 295 -12.01 11.60 6.22
C LEU A 295 -10.65 11.72 6.88
N VAL A 296 -10.54 11.16 8.09
CA VAL A 296 -9.31 11.24 8.84
C VAL A 296 -8.16 10.57 8.05
N THR A 297 -7.04 11.29 7.95
CA THR A 297 -5.86 10.84 7.20
C THR A 297 -4.62 10.97 8.07
N PRO A 298 -4.31 9.93 8.83
CA PRO A 298 -3.16 10.05 9.77
C PRO A 298 -1.86 10.36 9.03
N GLY A 299 -1.07 11.25 9.61
CA GLY A 299 0.21 11.56 9.01
C GLY A 299 0.17 12.77 8.08
N ILE A 300 -1.01 13.32 7.81
CA ILE A 300 -1.12 14.44 6.90
C ILE A 300 -1.69 15.65 7.62
N LYS A 301 -1.08 16.82 7.46
CA LYS A 301 -1.49 17.96 8.27
C LYS A 301 -2.87 18.47 7.94
N GLY A 302 -3.23 18.43 6.67
CA GLY A 302 -4.45 19.10 6.26
C GLY A 302 -5.71 18.31 6.56
N SER A 303 -5.54 17.09 7.05
CA SER A 303 -6.66 16.17 7.20
C SER A 303 -7.69 16.67 8.23
N TRP A 304 -8.97 16.36 8.01
CA TRP A 304 -9.99 16.59 9.04
C TRP A 304 -10.02 15.31 9.88
N LYS A 305 -11.09 15.04 10.68
CA LYS A 305 -11.02 13.88 11.57
C LYS A 305 -12.22 12.92 11.49
N ARG A 306 -12.97 12.98 10.40
CA ARG A 306 -14.15 12.09 10.29
C ARG A 306 -13.72 10.62 10.22
N PRO A 307 -14.30 9.75 11.07
CA PRO A 307 -13.76 8.37 11.11
C PRO A 307 -14.16 7.51 9.92
N SER A 308 -15.33 7.77 9.33
CA SER A 308 -15.77 7.06 8.13
C SER A 308 -16.97 7.75 7.52
N LEU A 309 -17.39 7.27 6.37
CA LEU A 309 -18.58 7.85 5.75
C LEU A 309 -19.89 7.41 6.45
N ARG A 310 -19.81 6.53 7.44
CA ARG A 310 -20.97 6.16 8.27
C ARG A 310 -21.48 7.36 9.03
N VAL A 311 -20.58 8.22 9.48
CA VAL A 311 -20.98 9.33 10.32
C VAL A 311 -21.19 10.57 9.45
N PRO A 312 -22.15 11.40 9.83
CA PRO A 312 -22.42 12.58 9.01
C PRO A 312 -21.22 13.51 8.89
N GLY A 313 -21.12 14.15 7.74
CA GLY A 313 -20.07 15.12 7.50
C GLY A 313 -20.32 15.79 6.17
N THR A 314 -19.29 16.43 5.64
CA THR A 314 -19.38 17.05 4.34
C THR A 314 -19.19 16.01 3.26
N ASP A 315 -20.17 15.84 2.37
CA ASP A 315 -20.07 14.84 1.34
C ASP A 315 -19.89 15.39 -0.09
N SER A 316 -19.46 16.64 -0.22
CA SER A 316 -19.11 17.17 -1.54
C SER A 316 -17.60 17.14 -1.71
N LEU A 317 -17.10 17.13 -2.95
CA LEU A 317 -15.67 17.15 -3.22
C LEU A 317 -15.09 18.55 -3.18
N ALA A 318 -14.01 18.74 -2.43
CA ALA A 318 -13.37 20.05 -2.32
C ALA A 318 -11.94 20.01 -2.80
N PHE A 319 -11.61 20.90 -3.72
CA PHE A 319 -10.29 20.93 -4.32
C PHE A 319 -9.45 22.13 -3.89
N GLY A 320 -10.04 23.02 -3.09
CA GLY A 320 -9.43 24.30 -2.74
C GLY A 320 -8.06 24.26 -2.09
N SER A 321 -7.75 23.18 -1.38
CA SER A 321 -6.49 23.11 -0.64
C SER A 321 -5.55 22.12 -1.28
N CYS A 322 -5.84 21.75 -2.50
CA CYS A 322 -5.04 20.76 -3.20
C CYS A 322 -4.00 21.45 -4.04
N THR A 323 -3.08 20.65 -4.53
CA THR A 323 -2.23 21.09 -5.65
C THR A 323 -3.16 21.44 -6.79
N PRO A 324 -2.87 22.51 -7.58
CA PRO A 324 -3.90 22.84 -8.57
C PRO A 324 -4.15 21.66 -9.53
N LEU A 325 -5.38 21.24 -9.70
CA LEU A 325 -5.65 20.06 -10.54
C LEU A 325 -6.14 20.47 -11.92
N PRO A 326 -5.64 19.81 -12.97
CA PRO A 326 -6.28 19.94 -14.27
C PRO A 326 -7.79 19.64 -14.19
N ASP A 327 -8.62 20.29 -15.01
CA ASP A 327 -10.03 19.96 -14.98
C ASP A 327 -10.26 18.51 -15.33
N PHE A 328 -9.46 17.94 -16.23
CA PHE A 328 -9.77 16.56 -16.62
C PHE A 328 -9.51 15.64 -15.45
N VAL A 329 -8.57 16.00 -14.58
CA VAL A 329 -8.36 15.16 -13.37
C VAL A 329 -9.53 15.34 -12.39
N LYS A 330 -9.95 16.58 -12.15
CA LYS A 330 -11.12 16.77 -11.30
C LYS A 330 -12.33 16.00 -11.76
N THR A 331 -12.56 15.95 -13.10
CA THR A 331 -13.70 15.24 -13.61
C THR A 331 -13.57 13.74 -13.32
N LEU A 332 -12.40 13.18 -13.57
CA LEU A 332 -12.19 11.75 -13.31
C LEU A 332 -12.41 11.41 -11.84
N ILE A 333 -11.74 12.13 -10.95
CA ILE A 333 -12.00 11.92 -9.51
C ILE A 333 -13.49 11.98 -9.17
N GLY A 334 -14.18 13.00 -9.67
CA GLY A 334 -15.60 13.14 -9.40
C GLY A 334 -16.44 11.95 -9.89
N ARG A 335 -16.06 11.36 -11.01
CA ARG A 335 -16.86 10.23 -11.54
C ARG A 335 -16.53 8.93 -10.79
N PHE A 336 -15.27 8.74 -10.43
CA PHE A 336 -14.90 7.57 -9.57
C PHE A 336 -15.53 7.68 -8.19
N LEU A 337 -15.68 8.89 -7.66
CA LEU A 337 -16.28 9.07 -6.34
C LEU A 337 -17.78 9.41 -6.34
N ASN A 338 -18.52 8.93 -7.35
CA ASN A 338 -19.95 9.10 -7.31
C ASN A 338 -20.47 8.25 -6.18
N PHE A 339 -21.29 8.81 -5.30
CA PHE A 339 -21.80 8.04 -4.18
C PHE A 339 -22.76 6.93 -4.61
N ASP A 340 -23.31 7.04 -5.81
CA ASP A 340 -24.20 5.98 -6.34
C ASP A 340 -23.36 4.87 -6.97
N ARG A 341 -23.31 3.70 -6.33
CA ARG A 341 -22.46 2.62 -6.86
C ARG A 341 -22.81 2.22 -8.29
N ARG A 342 -24.07 2.43 -8.69
CA ARG A 342 -24.50 2.07 -10.05
C ARG A 342 -24.01 3.05 -11.12
N ARG A 343 -23.69 4.27 -10.70
CA ARG A 343 -23.33 5.32 -11.64
C ARG A 343 -21.84 5.68 -11.55
N ARG A 344 -21.12 4.96 -10.73
CA ARG A 344 -19.71 5.20 -10.56
C ARG A 344 -18.88 4.73 -11.78
N LEU A 345 -17.97 5.57 -12.28
CA LEU A 345 -17.19 5.24 -13.45
C LEU A 345 -16.22 4.10 -13.13
N LEU A 346 -16.12 3.10 -13.99
CA LEU A 346 -15.14 2.04 -13.78
C LEU A 346 -13.86 2.31 -14.52
N PRO A 347 -12.76 1.76 -14.04
CA PRO A 347 -11.47 2.13 -14.65
C PRO A 347 -11.28 1.79 -16.16
N LEU A 348 -11.78 0.62 -16.61
CA LEU A 348 -11.64 0.32 -18.02
C LEU A 348 -12.43 1.34 -18.83
N GLU A 349 -13.61 1.75 -18.36
CA GLU A 349 -14.33 2.75 -19.17
C GLU A 349 -13.66 4.08 -19.03
N ALA A 350 -13.12 4.33 -17.86
CA ALA A 350 -12.38 5.61 -17.71
C ALA A 350 -11.31 5.76 -18.78
N MET A 351 -10.63 4.66 -19.15
CA MET A 351 -9.53 4.75 -20.09
C MET A 351 -10.04 5.08 -21.51
N GLU A 352 -11.33 4.97 -21.72
CA GLU A 352 -11.92 5.38 -23.01
C GLU A 352 -12.65 6.72 -23.00
N THR A 353 -12.39 7.54 -22.00
CA THR A 353 -13.01 8.85 -21.90
C THR A 353 -12.07 9.92 -22.48
N PRO A 354 -12.65 11.03 -22.96
CA PRO A 354 -11.82 12.17 -23.39
C PRO A 354 -10.86 12.64 -22.31
N GLU A 355 -11.27 12.59 -21.04
CA GLU A 355 -10.39 13.03 -19.96
C GLU A 355 -9.14 12.19 -19.84
N PHE A 356 -9.28 10.87 -19.91
CA PHE A 356 -8.10 10.05 -19.83
C PHE A 356 -7.18 10.30 -21.03
N LEU A 357 -7.74 10.57 -22.21
CA LEU A 357 -6.90 10.83 -23.36
C LEU A 357 -6.10 12.13 -23.16
N GLN A 358 -6.70 13.16 -22.57
CA GLN A 358 -5.97 14.39 -22.29
C GLN A 358 -4.85 14.08 -21.29
N LEU A 359 -5.15 13.25 -20.29
CA LEU A 359 -4.12 12.85 -19.35
C LEU A 359 -2.96 12.18 -20.06
N GLN A 360 -3.25 11.26 -20.95
CA GLN A 360 -2.18 10.52 -21.60
C GLN A 360 -1.33 11.51 -22.43
N ASN A 361 -2.01 12.42 -23.12
CA ASN A 361 -1.31 13.32 -24.06
C ASN A 361 -0.49 14.38 -23.31
N GLU A 362 -1.01 14.84 -22.17
CA GLU A 362 -0.21 15.73 -21.30
C GLU A 362 1.08 15.03 -20.97
N ILE A 363 0.98 13.78 -20.51
CA ILE A 363 2.17 13.05 -20.14
C ILE A 363 3.12 12.86 -21.32
N SER A 364 2.58 12.40 -22.46
CA SER A 364 3.42 12.09 -23.61
C SER A 364 4.12 13.33 -24.10
N SER A 365 3.42 14.45 -24.12
CA SER A 365 4.06 15.64 -24.64
C SER A 365 5.09 16.21 -23.65
N SER A 366 4.92 16.00 -22.34
CA SER A 366 5.94 16.45 -21.37
C SER A 366 7.16 15.57 -21.40
N LEU A 367 7.01 14.31 -21.74
CA LEU A 367 8.12 13.41 -21.71
C LEU A 367 8.98 13.56 -22.98
N SER A 368 8.36 14.00 -24.08
CA SER A 368 9.13 14.20 -25.31
C SER A 368 10.09 15.37 -25.18
#